data_1VJN
#
_entry.id   1VJN
#
_cell.length_a   43.147
_cell.length_b   45.723
_cell.length_c   63.491
_cell.angle_alpha   73.66
_cell.angle_beta   89.25
_cell.angle_gamma   64.96
#
_symmetry.space_group_name_H-M   'P 1'
#
loop_
_entity.id
_entity.type
_entity.pdbx_description
1 polymer 'Zn-dependent hydrolase of metallo-beta-lactamase superfamily TM0207'
2 water water
#
_entity_poly.entity_id   1
_entity_poly.type   'polypeptide(L)'
_entity_poly.pdbx_seq_one_letter_code
;MGSDKIHHHHHH(MSE)KITWFGHACFALE(MSE)EGKTIVTDPFDESVGYPIPNVTADVVTESHQHFDHNAHHLVKGNF
RVIDRPGAYTVNGVKIKGVETFHDPSHGRERGKNIVFVFEGEGIKVCHLGDLGHVLTPAQVEEIGEIDVLLVPVGGTYTI
GPKEAKEVADLLNAKVIIP(MSE)HYKTKYLKFNLLPVDDFLKLFDSYERVGNILELFEKPKERKVVV(MSE)EVQ
;
_entity_poly.pdbx_strand_id   A,B
#
# COMPACT_ATOMS: atom_id res chain seq x y z
N HIS A 12 -23.67 16.83 22.26
CA HIS A 12 -24.06 16.45 20.87
C HIS A 12 -22.88 16.46 19.90
N LYS A 14 -21.71 14.99 15.57
CA LYS A 14 -22.06 14.33 14.34
C LYS A 14 -20.81 13.89 13.61
N ILE A 15 -20.84 12.64 13.20
CA ILE A 15 -19.75 12.03 12.41
C ILE A 15 -20.30 11.64 11.07
N THR A 16 -19.60 12.04 10.02
CA THR A 16 -19.94 11.71 8.64
C THR A 16 -18.78 10.98 8.01
N TRP A 17 -19.07 9.85 7.40
CA TRP A 17 -18.06 9.10 6.72
C TRP A 17 -18.14 9.39 5.22
N PHE A 18 -17.00 9.71 4.63
CA PHE A 18 -16.89 9.97 3.19
C PHE A 18 -16.16 8.86 2.44
N GLY A 19 -15.75 7.84 3.18
CA GLY A 19 -15.06 6.68 2.62
C GLY A 19 -13.60 6.67 2.99
N HIS A 20 -12.93 5.53 2.79
CA HIS A 20 -11.55 5.40 3.15
C HIS A 20 -11.40 5.78 4.65
N ALA A 21 -10.48 6.65 5.04
CA ALA A 21 -10.31 7.01 6.49
C ALA A 21 -10.79 8.47 6.72
N CYS A 22 -11.56 8.98 5.76
CA CYS A 22 -12.09 10.36 5.75
C CYS A 22 -13.46 10.54 6.38
N PHE A 23 -13.45 11.19 7.54
CA PHE A 23 -14.62 11.53 8.32
C PHE A 23 -14.67 13.02 8.60
N ALA A 24 -15.88 13.57 8.61
CA ALA A 24 -16.10 14.91 9.19
C ALA A 24 -16.70 14.68 10.55
N LEU A 25 -16.03 15.26 11.56
CA LEU A 25 -16.52 15.32 12.95
C LEU A 25 -16.99 16.73 13.26
N GLU A 26 -18.23 16.85 13.69
CA GLU A 26 -18.75 18.12 14.16
C GLU A 26 -18.98 18.12 15.67
N GLU A 28 -18.81 21.34 18.94
CA GLU A 28 -18.53 22.71 19.41
C GLU A 28 -18.74 23.77 18.33
N GLY A 29 -19.67 23.56 17.40
CA GLY A 29 -19.81 24.43 16.23
C GLY A 29 -18.55 24.46 15.35
N LYS A 30 -17.73 23.40 15.40
CA LYS A 30 -16.54 23.31 14.57
C LYS A 30 -16.58 21.99 13.82
N THR A 31 -15.77 21.90 12.77
CA THR A 31 -15.69 20.75 11.93
C THR A 31 -14.28 20.33 11.75
N ILE A 32 -14.03 19.05 11.99
CA ILE A 32 -12.72 18.44 11.77
C ILE A 32 -12.86 17.44 10.64
N VAL A 33 -11.95 17.47 9.67
CA VAL A 33 -11.90 16.46 8.62
C VAL A 33 -10.58 15.66 8.74
N THR A 34 -10.71 14.34 8.86
CA THR A 34 -9.55 13.47 8.90
C THR A 34 -9.24 12.94 7.53
N ASP A 35 -7.96 12.82 7.21
CA ASP A 35 -7.48 12.07 6.06
C ASP A 35 -8.33 12.22 4.78
N PRO A 36 -8.47 13.43 4.23
CA PRO A 36 -9.25 13.60 3.01
C PRO A 36 -8.50 13.02 1.81
N PHE A 37 -9.19 12.76 0.71
CA PHE A 37 -8.59 12.14 -0.49
C PHE A 37 -9.17 12.77 -1.74
N ASP A 38 -8.68 12.36 -2.92
CA ASP A 38 -9.43 12.54 -4.22
C ASP A 38 -9.77 11.16 -4.84
N PRO A 44 -16.39 9.79 -4.20
CA PRO A 44 -17.07 11.07 -4.41
C PRO A 44 -16.52 12.16 -3.48
N ILE A 45 -16.10 13.28 -4.05
CA ILE A 45 -15.36 14.31 -3.31
C ILE A 45 -16.13 14.78 -2.05
N PRO A 46 -15.48 14.72 -0.87
CA PRO A 46 -16.04 15.33 0.35
C PRO A 46 -16.34 16.81 0.12
N ASN A 47 -17.62 17.18 0.21
CA ASN A 47 -18.02 18.55 -0.03
C ASN A 47 -18.31 19.19 1.33
N VAL A 48 -17.27 19.70 2.00
CA VAL A 48 -17.40 20.12 3.41
C VAL A 48 -16.46 21.28 3.81
N THR A 49 -16.93 22.16 4.71
CA THR A 49 -16.20 23.32 5.23
C THR A 49 -15.53 23.06 6.61
N ALA A 50 -14.20 23.03 6.64
CA ALA A 50 -13.51 22.58 7.80
C ALA A 50 -12.79 23.71 8.54
N ASP A 51 -12.68 23.54 9.87
CA ASP A 51 -11.80 24.32 10.77
C ASP A 51 -10.43 23.66 10.95
N VAL A 52 -10.47 22.35 11.00
CA VAL A 52 -9.26 21.55 11.12
C VAL A 52 -9.28 20.41 10.10
N VAL A 53 -8.09 20.16 9.56
CA VAL A 53 -7.85 18.95 8.81
C VAL A 53 -6.70 18.21 9.47
N THR A 54 -6.90 16.94 9.81
CA THR A 54 -5.75 16.11 10.23
C THR A 54 -5.31 15.05 9.20
N GLU A 55 -4.02 14.68 9.24
CA GLU A 55 -3.45 13.71 8.32
C GLU A 55 -2.63 12.72 9.11
N SER A 56 -3.05 11.48 9.09
CA SER A 56 -2.33 10.40 9.71
C SER A 56 -0.97 10.08 9.11
N HIS A 57 -0.76 10.38 7.83
CA HIS A 57 0.53 10.19 7.19
C HIS A 57 0.68 11.16 6.01
N GLN A 58 1.91 11.40 5.56
CA GLN A 58 2.15 12.40 4.49
C GLN A 58 1.95 11.80 3.10
N HIS A 59 1.68 12.64 2.11
CA HIS A 59 1.40 12.17 0.74
C HIS A 59 1.21 13.32 -0.27
N ASN A 63 -1.02 16.52 -2.28
CA ASN A 63 -1.99 17.25 -1.46
C ASN A 63 -3.41 16.69 -1.61
N ALA A 64 -3.79 15.87 -0.64
CA ALA A 64 -5.15 15.35 -0.51
C ALA A 64 -6.21 16.46 -0.30
N HIS A 65 -5.84 17.41 0.57
CA HIS A 65 -6.77 18.35 1.22
C HIS A 65 -6.99 19.64 0.46
N HIS A 66 -6.48 19.75 -0.76
CA HIS A 66 -6.68 20.98 -1.54
C HIS A 66 -8.17 21.23 -2.01
N LEU A 67 -9.06 20.26 -1.82
CA LEU A 67 -10.47 20.41 -2.16
C LEU A 67 -11.45 20.52 -0.97
N VAL A 68 -10.93 20.52 0.26
CA VAL A 68 -11.74 20.75 1.47
C VAL A 68 -11.94 22.26 1.54
N LYS A 69 -13.08 22.72 2.00
CA LYS A 69 -13.30 24.17 2.06
C LYS A 69 -13.07 24.69 3.47
N GLY A 70 -13.04 26.00 3.60
CA GLY A 70 -12.83 26.66 4.84
C GLY A 70 -11.36 27.06 4.96
N ASN A 71 -11.09 27.81 6.02
CA ASN A 71 -9.76 28.34 6.29
C ASN A 71 -9.22 27.53 7.44
N PHE A 72 -8.80 26.32 7.15
CA PHE A 72 -8.51 25.35 8.21
C PHE A 72 -7.06 25.32 8.63
N ARG A 73 -6.85 24.78 9.83
CA ARG A 73 -5.55 24.43 10.33
C ARG A 73 -5.29 22.98 9.93
N VAL A 74 -4.17 22.74 9.22
CA VAL A 74 -3.77 21.39 8.86
C VAL A 74 -2.89 20.90 9.99
N ILE A 75 -3.15 19.72 10.56
CA ILE A 75 -2.29 19.13 11.58
C ILE A 75 -1.80 17.79 11.04
N ASP A 76 -0.48 17.69 10.84
CA ASP A 76 0.12 16.47 10.33
C ASP A 76 1.36 16.05 11.11
N ARG A 77 1.48 16.52 12.35
CA ARG A 77 2.56 16.14 13.25
C ARG A 77 2.01 15.84 14.63
N PRO A 78 2.71 14.99 15.40
CA PRO A 78 2.31 14.72 16.80
C PRO A 78 2.39 15.97 17.72
N GLY A 79 1.71 15.91 18.86
CA GLY A 79 1.76 16.97 19.85
C GLY A 79 0.37 17.34 20.33
N ALA A 80 0.31 18.46 21.01
CA ALA A 80 -0.93 18.90 21.64
C ALA A 80 -1.33 20.24 21.06
N TYR A 81 -2.56 20.33 20.61
CA TYR A 81 -3.03 21.51 19.95
C TYR A 81 -4.42 21.87 20.47
N THR A 82 -4.75 23.12 20.29
CA THR A 82 -6.04 23.61 20.66
C THR A 82 -6.45 24.49 19.51
N VAL A 83 -7.49 24.08 18.82
CA VAL A 83 -7.89 24.77 17.65
C VAL A 83 -9.36 25.01 17.80
N ASN A 84 -9.71 26.28 18.00
CA ASN A 84 -11.11 26.71 18.02
C ASN A 84 -11.92 26.07 19.17
N GLY A 85 -11.30 25.95 20.34
CA GLY A 85 -11.95 25.36 21.52
C GLY A 85 -12.05 23.83 21.52
N VAL A 86 -11.41 23.18 20.54
CA VAL A 86 -11.29 21.70 20.56
C VAL A 86 -9.83 21.38 20.86
N LYS A 87 -9.62 20.50 21.84
CA LYS A 87 -8.28 19.97 22.15
C LYS A 87 -7.98 18.79 21.21
N ILE A 88 -6.86 18.89 20.51
CA ILE A 88 -6.40 17.82 19.66
C ILE A 88 -5.02 17.36 20.04
N LYS A 89 -4.83 16.07 19.97
CA LYS A 89 -3.58 15.46 20.33
C LYS A 89 -3.19 14.47 19.27
N GLY A 90 -1.96 14.56 18.80
CA GLY A 90 -1.37 13.63 17.83
C GLY A 90 -0.32 12.75 18.47
N VAL A 91 -0.43 11.44 18.24
CA VAL A 91 0.47 10.44 18.89
C VAL A 91 1.04 9.60 17.79
N GLU A 92 2.37 9.60 17.61
CA GLU A 92 3.00 8.83 16.57
C GLU A 92 3.07 7.39 17.05
N THR A 93 2.67 6.47 16.18
CA THR A 93 2.73 5.04 16.48
C THR A 93 3.73 4.31 15.63
N PHE A 94 4.20 4.99 14.59
CA PHE A 94 5.21 4.49 13.74
C PHE A 94 5.96 5.67 13.13
N HIS A 95 7.25 5.51 12.99
CA HIS A 95 8.09 6.40 12.19
C HIS A 95 9.43 5.70 11.92
N ASP A 96 9.78 5.49 10.64
CA ASP A 96 10.94 4.65 10.24
C ASP A 96 12.29 5.35 10.41
N GLY A 104 7.57 5.84 6.10
CA GLY A 104 6.67 6.93 6.49
C GLY A 104 6.34 7.05 7.99
N LYS A 105 5.07 7.32 8.31
CA LYS A 105 4.65 7.45 9.71
C LYS A 105 3.16 7.16 9.88
N ASN A 106 2.69 7.10 11.12
CA ASN A 106 1.26 7.01 11.43
C ASN A 106 0.99 7.82 12.66
N ILE A 107 0.14 8.84 12.50
CA ILE A 107 -0.24 9.63 13.63
C ILE A 107 -1.71 9.35 13.93
N VAL A 108 -1.93 8.92 15.17
CA VAL A 108 -3.24 8.75 15.80
C VAL A 108 -3.63 10.12 16.34
N PHE A 109 -4.84 10.56 16.05
CA PHE A 109 -5.33 11.82 16.59
C PHE A 109 -6.44 11.60 17.56
N VAL A 110 -6.43 12.37 18.64
CA VAL A 110 -7.48 12.30 19.61
C VAL A 110 -8.15 13.68 19.67
N PHE A 111 -9.46 13.69 19.56
CA PHE A 111 -10.26 14.92 19.62
C PHE A 111 -11.11 14.90 20.90
N GLU A 112 -10.99 15.97 21.67
CA GLU A 112 -11.68 16.07 22.94
C GLU A 112 -12.63 17.24 22.84
N GLY A 113 -13.92 16.95 22.91
CA GLY A 113 -14.93 17.97 22.69
C GLY A 113 -16.32 17.55 23.10
N GLU A 114 -17.02 18.46 23.78
CA GLU A 114 -18.33 18.19 24.34
C GLU A 114 -18.31 17.04 25.34
N GLY A 115 -17.28 16.99 26.17
CA GLY A 115 -17.04 15.83 27.04
C GLY A 115 -17.12 14.46 26.33
N ILE A 116 -16.64 14.39 25.08
CA ILE A 116 -16.54 13.14 24.34
C ILE A 116 -15.14 13.14 23.76
N LYS A 117 -14.46 11.99 23.85
CA LYS A 117 -13.14 11.81 23.26
C LYS A 117 -13.26 10.87 22.08
N VAL A 118 -12.83 11.37 20.93
CA VAL A 118 -12.90 10.62 19.69
C VAL A 118 -11.49 10.35 19.27
N CYS A 119 -11.24 9.13 18.81
CA CYS A 119 -9.90 8.68 18.35
C CYS A 119 -9.92 8.09 16.94
N HIS A 120 -9.09 8.67 16.08
CA HIS A 120 -8.89 8.12 14.75
C HIS A 120 -7.53 7.46 14.75
N LEU A 121 -7.51 6.16 14.54
CA LEU A 121 -6.27 5.44 14.65
C LEU A 121 -5.36 5.42 13.41
N GLY A 122 -5.80 5.99 12.30
CA GLY A 122 -5.01 6.05 11.08
C GLY A 122 -4.91 4.64 10.50
N ASP A 123 -3.72 4.27 10.04
CA ASP A 123 -3.41 2.97 9.47
C ASP A 123 -2.59 2.15 10.46
N LEU A 124 -3.04 2.14 11.70
CA LEU A 124 -2.31 1.53 12.80
C LEU A 124 -1.98 0.12 12.43
N GLY A 125 -0.70 -0.21 12.60
CA GLY A 125 -0.11 -1.45 12.09
C GLY A 125 0.19 -2.45 13.15
N HIS A 126 0.09 -2.06 14.42
CA HIS A 126 0.49 -2.98 15.51
C HIS A 126 -0.42 -2.59 16.69
N VAL A 127 -0.60 -3.50 17.61
CA VAL A 127 -1.38 -3.20 18.81
C VAL A 127 -0.66 -2.05 19.52
N LEU A 128 -1.36 -1.05 20.02
CA LEU A 128 -0.70 0.04 20.80
C LEU A 128 0.24 -0.45 21.93
N THR A 129 1.35 0.26 22.14
CA THR A 129 2.27 -0.06 23.25
C THR A 129 1.66 0.52 24.53
N PRO A 130 2.13 0.08 25.69
CA PRO A 130 1.66 0.70 26.93
C PRO A 130 1.81 2.25 26.95
N ALA A 131 2.93 2.78 26.42
CA ALA A 131 3.11 4.25 26.35
C ALA A 131 2.05 4.85 25.53
N GLN A 132 1.80 4.25 24.36
CA GLN A 132 0.82 4.83 23.46
C GLN A 132 -0.62 4.78 24.05
N VAL A 133 -0.99 3.68 24.69
CA VAL A 133 -2.26 3.60 25.41
C VAL A 133 -2.32 4.72 26.49
N GLU A 134 -1.22 4.88 27.23
CA GLU A 134 -1.16 5.84 28.34
C GLU A 134 -1.36 7.28 27.85
N GLU A 135 -0.73 7.60 26.73
CA GLU A 135 -0.87 8.88 26.04
C GLU A 135 -2.25 9.04 25.40
N ILE A 136 -2.83 7.99 24.83
CA ILE A 136 -4.16 8.18 24.20
C ILE A 136 -5.26 8.32 25.27
N GLY A 137 -5.22 7.49 26.30
CA GLY A 137 -6.24 7.48 27.36
C GLY A 137 -7.53 6.79 26.99
N GLU A 138 -8.52 6.81 27.88
CA GLU A 138 -9.84 6.24 27.56
C GLU A 138 -10.52 6.98 26.42
N ILE A 139 -11.09 6.22 25.48
CA ILE A 139 -11.74 6.76 24.29
C ILE A 139 -13.25 6.47 24.35
N ASP A 140 -14.07 7.44 23.94
CA ASP A 140 -15.50 7.24 23.78
C ASP A 140 -15.91 6.71 22.41
N VAL A 141 -15.36 7.30 21.36
CA VAL A 141 -15.63 6.87 20.00
C VAL A 141 -14.31 6.54 19.33
N LEU A 142 -14.15 5.27 18.95
CA LEU A 142 -12.94 4.78 18.31
C LEU A 142 -13.16 4.46 16.82
N LEU A 143 -12.32 5.05 15.97
CA LEU A 143 -12.28 4.74 14.54
C LEU A 143 -11.07 3.85 14.32
N VAL A 144 -11.32 2.59 13.93
CA VAL A 144 -10.25 1.57 14.04
C VAL A 144 -10.16 0.74 12.73
N PRO A 145 -8.97 0.59 12.15
CA PRO A 145 -8.77 -0.22 10.98
C PRO A 145 -8.85 -1.71 11.35
N VAL A 146 -9.41 -2.54 10.48
CA VAL A 146 -9.58 -3.95 10.74
C VAL A 146 -9.28 -4.90 9.56
N GLY A 147 -8.71 -4.39 8.47
CA GLY A 147 -8.49 -5.23 7.29
C GLY A 147 -7.33 -6.22 7.32
N GLY A 148 -6.36 -6.04 8.23
CA GLY A 148 -5.37 -7.11 8.54
C GLY A 148 -3.97 -7.29 7.94
N THR A 149 -3.70 -6.68 6.80
CA THR A 149 -2.36 -6.89 6.17
C THR A 149 -1.57 -5.58 6.24
N TYR A 150 -2.21 -4.51 5.75
CA TYR A 150 -1.67 -3.16 5.69
C TYR A 150 -1.88 -2.42 7.02
N THR A 151 -2.79 -2.95 7.83
CA THR A 151 -3.06 -2.47 9.17
C THR A 151 -3.25 -3.68 10.04
N ILE A 152 -3.62 -3.43 11.28
CA ILE A 152 -4.06 -4.48 12.16
C ILE A 152 -5.30 -5.15 11.61
N GLY A 153 -5.51 -6.36 12.08
CA GLY A 153 -6.62 -7.20 11.73
C GLY A 153 -7.66 -7.13 12.83
N PRO A 154 -8.71 -7.93 12.67
CA PRO A 154 -9.85 -7.90 13.56
C PRO A 154 -9.58 -8.20 15.04
N LYS A 155 -8.80 -9.25 15.36
CA LYS A 155 -8.56 -9.55 16.73
C LYS A 155 -7.69 -8.50 17.40
N GLU A 156 -6.69 -7.98 16.69
CA GLU A 156 -5.85 -6.95 17.25
C GLU A 156 -6.65 -5.67 17.41
N ALA A 157 -7.61 -5.40 16.51
CA ALA A 157 -8.44 -4.18 16.66
C ALA A 157 -9.31 -4.25 17.91
N LYS A 158 -9.89 -5.40 18.19
CA LYS A 158 -10.67 -5.55 19.42
C LYS A 158 -9.77 -5.38 20.67
N GLU A 159 -8.56 -5.90 20.60
CA GLU A 159 -7.58 -5.77 21.71
C GLU A 159 -7.27 -4.28 22.03
N VAL A 160 -7.03 -3.52 20.97
CA VAL A 160 -6.85 -2.09 21.03
C VAL A 160 -8.10 -1.39 21.55
N ALA A 161 -9.26 -1.76 21.02
CA ALA A 161 -10.51 -1.19 21.55
C ALA A 161 -10.63 -1.42 23.04
N ASP A 162 -10.31 -2.63 23.50
CA ASP A 162 -10.30 -2.93 24.93
C ASP A 162 -9.25 -2.15 25.71
N LEU A 163 -8.05 -1.98 25.14
CA LEU A 163 -7.04 -1.20 25.83
C LEU A 163 -7.48 0.24 26.08
N LEU A 164 -8.31 0.77 25.19
CA LEU A 164 -8.69 2.18 25.21
C LEU A 164 -10.09 2.33 25.83
N ASN A 165 -10.65 1.23 26.33
CA ASN A 165 -12.01 1.16 26.91
C ASN A 165 -13.05 1.83 26.00
N ALA A 166 -12.91 1.60 24.69
CA ALA A 166 -13.75 2.26 23.67
C ALA A 166 -15.21 1.84 23.81
N LYS A 167 -16.13 2.79 23.65
CA LYS A 167 -17.54 2.51 23.73
C LYS A 167 -18.13 2.35 22.32
N VAL A 168 -18.28 3.45 21.59
CA VAL A 168 -18.65 3.36 20.19
C VAL A 168 -17.42 3.02 19.43
N ILE A 169 -17.49 1.92 18.68
CA ILE A 169 -16.40 1.47 17.84
C ILE A 169 -16.80 1.46 16.35
N ILE A 170 -16.07 2.20 15.51
CA ILE A 170 -16.39 2.23 14.11
C ILE A 170 -15.21 1.65 13.34
N PRO A 171 -15.40 0.47 12.72
CA PRO A 171 -14.31 -0.14 11.91
C PRO A 171 -14.08 0.61 10.58
N HIS A 173 -11.20 0.51 6.87
CA HIS A 173 -10.05 -0.11 6.20
C HIS A 173 -10.30 -1.62 6.03
N TYR A 174 -11.47 -2.00 5.50
CA TYR A 174 -11.82 -3.39 5.26
C TYR A 174 -12.23 -3.57 3.79
N LYS A 175 -12.54 -4.81 3.39
CA LYS A 175 -12.93 -5.16 2.05
C LYS A 175 -14.16 -4.40 1.61
N THR A 176 -14.03 -3.74 0.46
CA THR A 176 -15.13 -3.07 -0.27
C THR A 176 -15.17 -3.63 -1.67
N LYS A 177 -16.13 -3.16 -2.47
CA LYS A 177 -16.37 -3.74 -3.80
C LYS A 177 -15.15 -3.58 -4.72
N TYR A 178 -14.56 -2.40 -4.68
CA TYR A 178 -13.42 -2.08 -5.53
C TYR A 178 -12.03 -2.05 -4.84
N LEU A 179 -11.97 -2.11 -3.51
CA LEU A 179 -10.68 -2.26 -2.82
C LEU A 179 -10.72 -3.52 -1.94
N LYS A 180 -10.10 -4.59 -2.42
CA LYS A 180 -10.28 -5.91 -1.85
C LYS A 180 -9.01 -6.76 -1.59
N PHE A 181 -7.94 -6.55 -2.39
CA PHE A 181 -6.74 -7.37 -2.33
C PHE A 181 -6.10 -7.39 -0.95
N ASN A 182 -6.03 -8.58 -0.37
CA ASN A 182 -5.53 -8.77 0.97
C ASN A 182 -6.18 -7.91 2.02
N LEU A 183 -7.49 -7.73 1.90
CA LEU A 183 -8.23 -7.03 2.95
C LEU A 183 -9.36 -7.93 3.43
N LEU A 184 -9.49 -8.09 4.74
CA LEU A 184 -10.55 -8.93 5.29
C LEU A 184 -11.88 -8.18 5.30
N PRO A 185 -12.98 -8.92 5.23
CA PRO A 185 -14.29 -8.32 5.36
C PRO A 185 -14.53 -7.79 6.78
N VAL A 186 -15.40 -6.77 6.90
CA VAL A 186 -15.79 -6.24 8.19
C VAL A 186 -16.46 -7.33 9.04
N ASP A 187 -17.09 -8.31 8.39
CA ASP A 187 -17.75 -9.42 9.10
C ASP A 187 -16.79 -10.18 10.03
N ASP A 188 -15.49 -10.25 9.70
CA ASP A 188 -14.50 -10.91 10.57
C ASP A 188 -14.29 -10.19 11.89
N PHE A 189 -14.44 -8.89 11.89
CA PHE A 189 -14.41 -8.13 13.12
C PHE A 189 -15.74 -8.25 13.86
N LEU A 190 -16.85 -8.15 13.14
CA LEU A 190 -18.17 -8.17 13.78
C LEU A 190 -18.46 -9.44 14.57
N LYS A 191 -17.96 -10.58 14.07
CA LYS A 191 -18.15 -11.84 14.76
C LYS A 191 -17.52 -11.90 16.17
N LEU A 192 -16.69 -10.92 16.52
CA LEU A 192 -16.01 -10.91 17.80
C LEU A 192 -16.81 -10.23 18.89
N PHE A 193 -17.96 -9.66 18.51
CA PHE A 193 -18.82 -8.91 19.43
C PHE A 193 -20.23 -9.53 19.47
N ASP A 194 -20.96 -9.18 20.51
CA ASP A 194 -22.27 -9.79 20.77
C ASP A 194 -23.39 -9.17 19.92
N SER A 195 -23.17 -7.93 19.53
CA SER A 195 -24.10 -7.18 18.75
C SER A 195 -23.35 -6.10 17.97
N TYR A 196 -24.05 -5.50 17.01
CA TYR A 196 -23.59 -4.35 16.24
C TYR A 196 -24.80 -3.71 15.54
N GLU A 197 -24.55 -2.57 14.92
CA GLU A 197 -25.54 -1.84 14.26
C GLU A 197 -24.95 -1.35 12.97
N ARG A 198 -25.80 -1.27 11.94
CA ARG A 198 -25.40 -0.65 10.68
C ARG A 198 -26.16 0.66 10.53
N VAL A 199 -25.46 1.70 10.10
CA VAL A 199 -26.08 2.95 9.80
C VAL A 199 -25.66 3.35 8.39
N GLY A 200 -26.10 4.53 7.99
CA GLY A 200 -25.69 5.08 6.71
C GLY A 200 -24.38 5.83 6.85
N ASN A 201 -24.31 7.00 6.24
CA ASN A 201 -23.08 7.77 6.26
C ASN A 201 -22.95 8.77 7.38
N ILE A 202 -23.95 8.87 8.26
CA ILE A 202 -23.94 9.78 9.39
C ILE A 202 -24.25 9.05 10.69
N LEU A 203 -23.48 9.34 11.72
CA LEU A 203 -23.82 8.94 13.07
C LEU A 203 -23.93 10.19 13.92
N GLU A 204 -25.05 10.38 14.58
CA GLU A 204 -25.20 11.45 15.56
C GLU A 204 -25.22 10.87 16.97
N LEU A 205 -24.53 11.51 17.89
CA LEU A 205 -24.53 11.13 19.31
C LEU A 205 -25.04 12.30 20.08
N PHE A 206 -26.01 12.05 20.96
CA PHE A 206 -26.67 13.09 21.71
C PHE A 206 -26.22 13.11 23.17
N GLU A 207 -25.40 12.14 23.56
CA GLU A 207 -24.80 12.10 24.88
C GLU A 207 -23.55 11.25 24.84
N LYS A 208 -22.77 11.32 25.91
CA LYS A 208 -21.55 10.51 25.99
C LYS A 208 -21.98 9.04 26.02
N PRO A 209 -21.39 8.20 25.16
CA PRO A 209 -21.75 6.78 25.14
C PRO A 209 -21.61 6.10 26.48
N LYS A 210 -22.66 5.44 26.96
CA LYS A 210 -22.61 4.70 28.21
C LYS A 210 -22.09 3.30 27.95
N GLU A 211 -22.52 2.70 26.84
CA GLU A 211 -22.21 1.30 26.55
C GLU A 211 -21.45 1.11 25.28
N ARG A 212 -20.84 -0.07 25.17
CA ARG A 212 -20.13 -0.45 23.99
C ARG A 212 -21.09 -0.79 22.88
N LYS A 213 -20.80 -0.25 21.69
CA LYS A 213 -21.56 -0.60 20.49
C LYS A 213 -20.66 -0.47 19.27
N VAL A 214 -20.58 -1.55 18.50
CA VAL A 214 -19.92 -1.51 17.22
C VAL A 214 -20.90 -0.95 16.15
N VAL A 215 -20.49 0.10 15.47
CA VAL A 215 -21.31 0.77 14.46
C VAL A 215 -20.58 0.70 13.13
N VAL A 216 -21.24 0.05 12.17
CA VAL A 216 -20.75 -0.10 10.81
C VAL A 216 -21.45 0.96 9.97
N GLU A 218 -21.69 3.27 6.23
CA GLU A 218 -21.78 2.98 4.80
C GLU A 218 -21.83 4.29 4.02
N VAL A 219 -21.01 4.42 2.98
CA VAL A 219 -20.97 5.68 2.23
C VAL A 219 -22.20 5.74 1.34
N GLN A 220 -22.94 6.87 1.46
CA GLN A 220 -24.30 7.02 0.91
C GLN A 220 -25.35 7.09 2.03
N HIS B 12 11.32 -24.73 -19.72
CA HIS B 12 11.11 -24.56 -18.26
C HIS B 12 11.80 -23.28 -17.76
N LYS B 14 11.76 -20.82 -13.93
CA LYS B 14 11.23 -20.50 -12.62
C LYS B 14 11.56 -19.06 -12.25
N ILE B 15 10.58 -18.36 -11.67
CA ILE B 15 10.71 -17.02 -11.10
C ILE B 15 10.32 -17.09 -9.63
N THR B 16 11.21 -16.67 -8.77
CA THR B 16 10.95 -16.54 -7.32
C THR B 16 11.02 -15.09 -6.92
N TRP B 17 9.99 -14.57 -6.25
CA TRP B 17 10.00 -13.22 -5.72
C TRP B 17 10.40 -13.23 -4.26
N PHE B 18 11.31 -12.35 -3.89
CA PHE B 18 11.83 -12.23 -2.51
C PHE B 18 11.36 -10.91 -1.95
N GLY B 19 10.69 -10.12 -2.76
CA GLY B 19 10.19 -8.85 -2.29
C GLY B 19 10.96 -7.72 -2.93
N HIS B 20 10.40 -6.53 -2.75
CA HIS B 20 10.85 -5.34 -3.42
C HIS B 20 10.90 -5.64 -4.92
N ALA B 21 12.02 -5.39 -5.60
CA ALA B 21 12.15 -5.71 -7.03
C ALA B 21 13.13 -6.87 -7.17
N CYS B 22 13.33 -7.63 -6.09
CA CYS B 22 14.28 -8.77 -6.10
C CYS B 22 13.62 -10.08 -6.47
N PHE B 23 14.00 -10.59 -7.64
CA PHE B 23 13.54 -11.86 -8.18
C PHE B 23 14.73 -12.77 -8.48
N ALA B 24 14.52 -14.09 -8.41
CA ALA B 24 15.49 -15.03 -9.04
C ALA B 24 14.85 -15.66 -10.27
N LEU B 25 15.56 -15.60 -11.38
CA LEU B 25 15.11 -16.21 -12.63
C LEU B 25 16.05 -17.37 -12.88
N GLU B 26 15.48 -18.57 -12.82
CA GLU B 26 16.20 -19.78 -13.14
C GLU B 26 15.81 -20.22 -14.55
N GLU B 28 18.00 -22.19 -18.17
CA GLU B 28 19.23 -22.74 -18.80
C GLU B 28 20.23 -23.21 -17.76
N GLY B 29 19.71 -23.73 -16.65
CA GLY B 29 20.55 -24.15 -15.56
C GLY B 29 21.32 -23.03 -14.88
N LYS B 30 20.94 -21.77 -15.14
CA LYS B 30 21.59 -20.63 -14.49
C LYS B 30 20.58 -19.88 -13.64
N THR B 31 21.11 -19.09 -12.70
CA THR B 31 20.28 -18.25 -11.82
C THR B 31 20.69 -16.81 -11.92
N ILE B 32 19.72 -15.97 -12.23
CA ILE B 32 19.90 -14.57 -12.31
C ILE B 32 19.09 -13.99 -11.20
N VAL B 33 19.73 -13.12 -10.41
CA VAL B 33 19.07 -12.38 -9.38
C VAL B 33 19.04 -10.89 -9.72
N THR B 34 17.83 -10.33 -9.66
CA THR B 34 17.62 -8.91 -9.91
C THR B 34 17.52 -8.13 -8.64
N ASP B 35 18.08 -6.92 -8.68
CA ASP B 35 17.87 -5.89 -7.68
C ASP B 35 17.81 -6.41 -6.24
N PRO B 36 18.90 -7.03 -5.81
CA PRO B 36 18.95 -7.60 -4.48
C PRO B 36 18.94 -6.52 -3.39
N PHE B 37 18.64 -6.92 -2.17
CA PHE B 37 18.68 -6.01 -1.01
C PHE B 37 19.29 -6.72 0.22
N TYR B 43 11.02 -8.70 5.25
CA TYR B 43 11.36 -9.59 4.13
C TYR B 43 12.50 -10.52 4.53
N PRO B 44 12.28 -11.84 4.52
CA PRO B 44 13.40 -12.78 4.69
C PRO B 44 14.54 -12.51 3.70
N ILE B 45 15.75 -12.31 4.23
CA ILE B 45 16.91 -12.02 3.39
C ILE B 45 16.94 -13.04 2.25
N PRO B 46 16.88 -12.57 1.00
CA PRO B 46 16.92 -13.47 -0.16
C PRO B 46 18.02 -14.51 0.01
N ASN B 47 17.65 -15.78 0.19
CA ASN B 47 18.64 -16.87 0.21
C ASN B 47 18.64 -17.58 -1.13
N VAL B 48 19.71 -17.38 -1.88
CA VAL B 48 19.76 -17.79 -3.26
C VAL B 48 21.21 -17.78 -3.77
N THR B 49 21.53 -18.71 -4.65
CA THR B 49 22.84 -18.81 -5.24
C THR B 49 22.76 -18.38 -6.69
N ALA B 50 23.50 -17.33 -7.05
CA ALA B 50 23.36 -16.71 -8.33
C ALA B 50 24.60 -16.92 -9.18
N ASP B 51 24.38 -17.01 -10.48
CA ASP B 51 25.43 -16.90 -11.46
C ASP B 51 25.53 -15.45 -11.94
N VAL B 52 24.41 -14.76 -11.97
CA VAL B 52 24.40 -13.37 -12.42
C VAL B 52 23.55 -12.54 -11.48
N VAL B 53 24.02 -11.32 -11.22
CA VAL B 53 23.23 -10.30 -10.50
C VAL B 53 23.14 -9.04 -11.35
N THR B 54 21.91 -8.59 -11.63
CA THR B 54 21.67 -7.29 -12.32
C THR B 54 21.21 -6.23 -11.35
N GLU B 55 21.60 -4.97 -11.57
CA GLU B 55 21.22 -3.86 -10.70
C GLU B 55 20.68 -2.72 -11.57
N SER B 56 19.41 -2.34 -11.36
CA SER B 56 18.78 -1.27 -12.14
C SER B 56 19.28 0.11 -11.70
N HIS B 57 19.77 0.23 -10.47
CA HIS B 57 20.36 1.49 -10.00
C HIS B 57 21.26 1.31 -8.77
N GLN B 58 22.06 2.33 -8.45
CA GLN B 58 23.00 2.30 -7.32
C GLN B 58 22.83 1.09 -6.39
N ASN B 63 26.43 -1.22 -1.78
CA ASN B 63 26.47 -2.52 -2.44
C ASN B 63 25.38 -3.53 -1.97
N ALA B 64 24.25 -3.52 -2.66
CA ALA B 64 23.07 -4.32 -2.28
C ALA B 64 23.24 -5.83 -2.41
N HIS B 65 24.25 -6.25 -3.17
CA HIS B 65 24.40 -7.67 -3.54
C HIS B 65 25.49 -8.44 -2.79
N HIS B 66 26.00 -7.92 -1.66
CA HIS B 66 27.12 -8.61 -0.98
C HIS B 66 26.73 -9.87 -0.17
N LEU B 67 25.44 -10.05 0.14
CA LEU B 67 24.97 -11.27 0.84
C LEU B 67 24.34 -12.36 -0.06
N VAL B 68 24.24 -12.11 -1.38
CA VAL B 68 23.79 -13.15 -2.35
C VAL B 68 24.92 -14.19 -2.47
N LYS B 69 24.61 -15.47 -2.53
CA LYS B 69 25.66 -16.50 -2.65
C LYS B 69 26.05 -16.79 -4.11
N GLY B 70 27.19 -17.43 -4.28
CA GLY B 70 27.64 -17.88 -5.59
C GLY B 70 28.79 -17.03 -6.09
N ASN B 71 29.42 -17.48 -7.16
CA ASN B 71 30.49 -16.73 -7.80
C ASN B 71 29.94 -16.06 -9.01
N PHE B 72 29.27 -14.93 -8.83
CA PHE B 72 28.46 -14.39 -9.88
C PHE B 72 29.13 -13.22 -10.62
N ARG B 73 28.55 -12.89 -11.78
CA ARG B 73 28.86 -11.67 -12.52
C ARG B 73 27.81 -10.65 -12.11
N VAL B 74 28.25 -9.41 -11.90
CA VAL B 74 27.36 -8.32 -11.56
C VAL B 74 27.25 -7.43 -12.76
N ILE B 75 26.03 -7.14 -13.21
CA ILE B 75 25.84 -6.23 -14.34
C ILE B 75 25.05 -5.04 -13.85
N ASP B 76 25.66 -3.86 -13.88
CA ASP B 76 25.03 -2.65 -13.37
C ASP B 76 25.16 -1.47 -14.33
N ARG B 77 25.23 -1.76 -15.63
CA ARG B 77 25.40 -0.72 -16.66
C ARG B 77 24.66 -1.18 -17.91
N PRO B 78 24.23 -0.25 -18.74
CA PRO B 78 23.55 -0.65 -19.98
C PRO B 78 24.55 -1.41 -20.87
N GLY B 79 24.04 -2.20 -21.80
CA GLY B 79 24.90 -2.89 -22.78
C GLY B 79 24.35 -4.25 -23.08
N ALA B 80 24.98 -4.97 -23.99
CA ALA B 80 24.57 -6.31 -24.33
C ALA B 80 25.61 -7.27 -23.75
N TYR B 81 25.16 -8.33 -23.12
CA TYR B 81 26.03 -9.30 -22.47
C TYR B 81 25.54 -10.72 -22.74
N THR B 82 26.39 -11.71 -22.50
CA THR B 82 25.97 -13.11 -22.56
C THR B 82 26.56 -13.84 -21.36
N VAL B 83 25.78 -14.74 -20.77
CA VAL B 83 26.31 -15.64 -19.74
C VAL B 83 25.74 -17.04 -19.91
N ASN B 84 26.64 -18.00 -20.09
CA ASN B 84 26.28 -19.40 -20.31
C ASN B 84 25.13 -19.62 -21.29
N GLY B 85 25.13 -18.85 -22.38
CA GLY B 85 24.07 -18.95 -23.39
C GLY B 85 22.83 -18.10 -23.13
N VAL B 86 22.75 -17.46 -21.95
CA VAL B 86 21.70 -16.48 -21.67
C VAL B 86 22.17 -15.10 -22.12
N LYS B 87 21.37 -14.43 -22.92
CA LYS B 87 21.66 -13.06 -23.34
C LYS B 87 20.98 -12.07 -22.40
N ILE B 88 21.70 -10.99 -22.06
CA ILE B 88 21.21 -9.96 -21.17
C ILE B 88 21.47 -8.58 -21.80
N LYS B 89 20.41 -7.81 -21.99
CA LYS B 89 20.51 -6.48 -22.55
C LYS B 89 20.09 -5.48 -21.49
N GLY B 90 20.82 -4.38 -21.35
CA GLY B 90 20.50 -3.34 -20.36
C GLY B 90 20.24 -2.01 -21.04
N VAL B 91 19.10 -1.41 -20.74
CA VAL B 91 18.71 -0.15 -21.41
C VAL B 91 18.46 0.93 -20.35
N GLU B 92 19.27 1.99 -20.39
CA GLU B 92 19.03 3.18 -19.58
C GLU B 92 17.72 3.86 -20.01
N THR B 93 16.87 4.22 -19.04
CA THR B 93 15.67 5.02 -19.29
C THR B 93 15.62 6.34 -18.51
N PHE B 94 16.50 6.51 -17.51
CA PHE B 94 16.59 7.76 -16.76
C PHE B 94 17.72 8.59 -17.33
N LYS B 105 19.52 7.13 -12.91
CA LYS B 105 19.89 5.79 -13.35
C LYS B 105 18.71 4.85 -13.14
N ASN B 106 18.17 4.35 -14.24
CA ASN B 106 17.34 3.15 -14.23
C ASN B 106 17.69 2.35 -15.45
N ILE B 107 18.24 1.16 -15.21
CA ILE B 107 18.55 0.23 -16.28
C ILE B 107 17.46 -0.83 -16.26
N VAL B 108 16.72 -0.88 -17.36
CA VAL B 108 15.85 -1.97 -17.68
C VAL B 108 16.71 -3.15 -18.18
N PHE B 109 16.43 -4.36 -17.71
CA PHE B 109 17.14 -5.56 -18.17
C PHE B 109 16.20 -6.51 -18.85
N VAL B 110 16.64 -7.05 -19.97
CA VAL B 110 15.93 -8.08 -20.68
C VAL B 110 16.78 -9.35 -20.66
N PHE B 111 16.16 -10.47 -20.33
CA PHE B 111 16.82 -11.76 -20.29
C PHE B 111 16.16 -12.67 -21.29
N GLU B 112 16.97 -13.29 -22.14
CA GLU B 112 16.47 -14.19 -23.16
C GLU B 112 17.16 -15.55 -22.99
N GLY B 113 16.33 -16.57 -22.74
CA GLY B 113 16.81 -17.91 -22.48
C GLY B 113 15.62 -18.83 -22.28
N GLU B 114 15.73 -20.06 -22.75
CA GLU B 114 14.59 -20.98 -22.84
C GLU B 114 13.56 -20.47 -23.87
N GLY B 115 14.01 -19.77 -24.91
CA GLY B 115 13.08 -19.10 -25.87
C GLY B 115 11.98 -18.24 -25.22
N ILE B 116 12.31 -17.58 -24.11
CA ILE B 116 11.39 -16.68 -23.42
C ILE B 116 12.12 -15.39 -23.12
N LYS B 117 11.46 -14.25 -23.40
CA LYS B 117 12.03 -12.94 -23.09
C LYS B 117 11.40 -12.43 -21.81
N VAL B 118 12.22 -12.28 -20.78
CA VAL B 118 11.81 -11.69 -19.53
C VAL B 118 12.43 -10.32 -19.38
N CYS B 119 11.65 -9.37 -18.86
CA CYS B 119 12.04 -7.99 -18.74
C CYS B 119 11.72 -7.51 -17.36
N HIS B 120 12.73 -6.97 -16.69
CA HIS B 120 12.59 -6.31 -15.42
C HIS B 120 12.75 -4.79 -15.68
N LEU B 121 11.69 -4.05 -15.48
CA LEU B 121 11.70 -2.63 -15.77
C LEU B 121 12.37 -1.72 -14.73
N GLY B 122 12.76 -2.25 -13.58
CA GLY B 122 13.45 -1.44 -12.61
C GLY B 122 12.44 -0.54 -11.95
N ASP B 123 12.86 0.70 -11.71
CA ASP B 123 11.99 1.75 -11.18
C ASP B 123 11.49 2.67 -12.28
N LEU B 124 11.14 2.13 -13.43
CA LEU B 124 10.73 2.94 -14.56
C LEU B 124 9.84 4.09 -14.10
N GLY B 125 10.28 5.33 -14.38
CA GLY B 125 9.56 6.53 -13.95
C GLY B 125 8.68 7.22 -14.99
N HIS B 126 8.66 6.68 -16.19
CA HIS B 126 7.89 7.24 -17.26
C HIS B 126 7.55 6.13 -18.25
N VAL B 127 6.57 6.40 -19.09
CA VAL B 127 6.16 5.48 -20.15
C VAL B 127 7.28 5.46 -21.18
N LEU B 128 7.60 4.29 -21.70
CA LEU B 128 8.80 4.13 -22.55
C LEU B 128 8.63 4.88 -23.83
N THR B 129 9.72 5.36 -24.40
CA THR B 129 9.65 6.05 -25.70
C THR B 129 9.67 5.03 -26.83
N PRO B 130 9.19 5.41 -28.02
CA PRO B 130 9.31 4.55 -29.20
C PRO B 130 10.71 3.93 -29.34
N ALA B 131 11.75 4.72 -29.08
CA ALA B 131 13.16 4.28 -29.08
C ALA B 131 13.44 3.19 -28.05
N GLN B 132 13.00 3.45 -26.83
CA GLN B 132 13.22 2.53 -25.72
C GLN B 132 12.39 1.28 -25.93
N VAL B 133 11.14 1.46 -26.33
CA VAL B 133 10.32 0.33 -26.77
C VAL B 133 11.10 -0.44 -27.82
N GLU B 134 11.64 0.30 -28.78
CA GLU B 134 12.43 -0.24 -29.88
C GLU B 134 13.63 -1.10 -29.46
N GLU B 135 14.33 -0.68 -28.41
CA GLU B 135 15.58 -1.34 -28.00
C GLU B 135 15.32 -2.47 -27.01
N ILE B 136 14.18 -2.43 -26.34
CA ILE B 136 13.80 -3.52 -25.44
C ILE B 136 13.14 -4.66 -26.24
N GLY B 137 12.24 -4.30 -27.15
CA GLY B 137 11.56 -5.28 -27.98
C GLY B 137 10.34 -5.89 -27.32
N GLU B 138 9.75 -6.90 -27.98
CA GLU B 138 8.57 -7.60 -27.49
C GLU B 138 8.97 -8.56 -26.41
N ILE B 139 8.10 -8.69 -25.41
CA ILE B 139 8.44 -9.36 -24.16
C ILE B 139 7.41 -10.42 -23.79
N ASP B 140 7.86 -11.56 -23.30
CA ASP B 140 6.96 -12.62 -22.89
C ASP B 140 6.50 -12.46 -21.46
N VAL B 141 7.43 -12.18 -20.54
CA VAL B 141 7.14 -12.05 -19.11
C VAL B 141 7.64 -10.69 -18.70
N LEU B 142 6.72 -9.85 -18.24
CA LEU B 142 7.07 -8.49 -17.80
C LEU B 142 6.87 -8.27 -16.30
N LEU B 143 7.94 -7.80 -15.65
CA LEU B 143 7.93 -7.37 -14.24
C LEU B 143 7.91 -5.86 -14.23
N VAL B 144 6.79 -5.28 -13.78
CA VAL B 144 6.50 -3.89 -14.03
C VAL B 144 6.09 -3.22 -12.72
N PRO B 145 6.68 -2.08 -12.37
CA PRO B 145 6.26 -1.32 -11.20
C PRO B 145 4.94 -0.63 -11.50
N VAL B 146 4.08 -0.61 -10.49
CA VAL B 146 2.75 -0.05 -10.65
C VAL B 146 2.35 0.91 -9.52
N GLY B 147 3.28 1.23 -8.62
CA GLY B 147 2.99 1.99 -7.40
C GLY B 147 2.72 3.48 -7.48
N GLY B 148 3.21 4.17 -8.52
CA GLY B 148 2.74 5.51 -8.83
C GLY B 148 3.50 6.71 -8.32
N THR B 149 4.36 6.54 -7.32
CA THR B 149 5.11 7.73 -6.81
C THR B 149 6.44 7.95 -7.56
N TYR B 150 7.46 7.19 -7.21
CA TYR B 150 8.76 7.33 -7.86
C TYR B 150 8.75 6.58 -9.19
N THR B 151 7.83 5.62 -9.31
CA THR B 151 7.67 4.86 -10.56
C THR B 151 6.40 5.25 -11.28
N ILE B 152 6.25 4.73 -12.48
CA ILE B 152 4.98 4.85 -13.21
C ILE B 152 3.85 4.26 -12.36
N GLY B 153 2.63 4.71 -12.65
CA GLY B 153 1.44 4.24 -11.97
C GLY B 153 0.83 3.14 -12.79
N PRO B 154 -0.34 2.69 -12.36
CA PRO B 154 -0.99 1.53 -12.95
C PRO B 154 -1.40 1.66 -14.42
N LYS B 155 -1.99 2.80 -14.76
CA LYS B 155 -2.43 3.03 -16.14
C LYS B 155 -1.22 3.17 -17.05
N GLU B 156 -0.18 3.85 -16.59
CA GLU B 156 1.07 3.90 -17.35
C GLU B 156 1.68 2.49 -17.49
N ALA B 157 1.62 1.68 -16.44
CA ALA B 157 2.16 0.31 -16.50
C ALA B 157 1.42 -0.54 -17.53
N LYS B 158 0.10 -0.44 -17.58
CA LYS B 158 -0.63 -1.17 -18.62
C LYS B 158 -0.25 -0.66 -19.99
N GLU B 159 -0.01 0.65 -20.17
CA GLU B 159 0.46 1.18 -21.46
C GLU B 159 1.81 0.56 -21.86
N VAL B 160 2.73 0.49 -20.90
CA VAL B 160 4.04 -0.11 -21.17
C VAL B 160 3.89 -1.58 -21.53
N ALA B 161 3.02 -2.29 -20.80
CA ALA B 161 2.75 -3.68 -21.11
C ALA B 161 2.22 -3.81 -22.53
N ASP B 162 1.29 -2.94 -22.91
CA ASP B 162 0.74 -2.95 -24.27
C ASP B 162 1.82 -2.67 -25.27
N LEU B 163 2.67 -1.68 -25.02
CA LEU B 163 3.74 -1.28 -25.95
C LEU B 163 4.79 -2.38 -26.21
N LEU B 164 4.99 -3.25 -25.23
CA LEU B 164 5.91 -4.40 -25.34
C LEU B 164 5.19 -5.72 -25.68
N ASN B 165 3.88 -5.66 -25.89
CA ASN B 165 3.09 -6.85 -26.17
C ASN B 165 3.35 -7.90 -25.11
N ALA B 166 3.41 -7.49 -23.85
CA ALA B 166 3.73 -8.42 -22.77
C ALA B 166 2.60 -9.44 -22.58
N LYS B 167 2.96 -10.69 -22.32
CA LYS B 167 1.99 -11.77 -22.06
C LYS B 167 1.76 -11.97 -20.56
N VAL B 168 2.80 -12.44 -19.88
CA VAL B 168 2.72 -12.64 -18.44
C VAL B 168 3.15 -11.32 -17.85
N ILE B 169 2.28 -10.75 -17.01
CA ILE B 169 2.54 -9.45 -16.45
C ILE B 169 2.54 -9.65 -14.94
N ILE B 170 3.68 -9.36 -14.31
CA ILE B 170 3.81 -9.49 -12.87
C ILE B 170 4.03 -8.10 -12.34
N PRO B 171 3.10 -7.59 -11.57
CA PRO B 171 3.30 -6.28 -10.97
C PRO B 171 4.25 -6.30 -9.78
N HIS B 173 6.36 -3.25 -6.87
CA HIS B 173 6.46 -1.90 -6.37
C HIS B 173 5.09 -1.30 -6.06
N TYR B 174 4.27 -2.05 -5.35
CA TYR B 174 3.00 -1.57 -4.87
C TYR B 174 2.93 -1.73 -3.35
N LYS B 175 1.86 -1.24 -2.76
CA LYS B 175 1.63 -1.33 -1.31
C LYS B 175 1.61 -2.80 -0.84
N THR B 176 2.51 -3.15 0.09
CA THR B 176 2.55 -4.45 0.77
C THR B 176 2.59 -4.22 2.27
N LYS B 177 2.59 -5.30 3.05
CA LYS B 177 2.76 -5.19 4.50
C LYS B 177 4.13 -4.60 4.85
N TYR B 178 5.18 -5.09 4.20
CA TYR B 178 6.56 -4.62 4.45
C TYR B 178 6.81 -3.19 3.97
N LEU B 179 6.16 -2.78 2.87
CA LEU B 179 6.25 -1.39 2.33
C LEU B 179 4.86 -0.75 2.06
N LYS B 180 4.29 -0.11 3.07
CA LYS B 180 2.89 0.38 3.01
C LYS B 180 2.84 1.86 2.61
N PHE B 181 4.01 2.42 2.31
CA PHE B 181 4.23 3.86 2.35
C PHE B 181 4.57 4.42 0.97
N ASN B 182 3.74 5.35 0.49
CA ASN B 182 3.96 6.09 -0.77
C ASN B 182 3.67 5.26 -2.01
N LEU B 183 2.70 4.36 -1.89
CA LEU B 183 2.49 3.34 -2.86
C LEU B 183 1.02 3.06 -2.99
N LEU B 184 0.59 2.99 -4.24
CA LEU B 184 -0.74 2.61 -4.58
C LEU B 184 -0.90 1.11 -4.31
N PRO B 185 -2.13 0.72 -3.95
CA PRO B 185 -2.47 -0.70 -3.87
C PRO B 185 -2.39 -1.38 -5.26
N VAL B 186 -2.10 -2.67 -5.28
CA VAL B 186 -2.10 -3.40 -6.56
C VAL B 186 -3.54 -3.44 -7.20
N ASP B 187 -4.60 -3.27 -6.41
CA ASP B 187 -5.98 -3.17 -6.91
C ASP B 187 -6.17 -2.15 -8.03
N ASP B 188 -5.47 -1.00 -7.92
CA ASP B 188 -5.54 0.04 -8.94
C ASP B 188 -4.99 -0.41 -10.30
N PHE B 189 -4.10 -1.39 -10.27
CA PHE B 189 -3.59 -2.01 -11.50
C PHE B 189 -4.53 -3.15 -11.97
N LEU B 190 -4.87 -4.05 -11.07
CA LEU B 190 -5.72 -5.21 -11.41
C LEU B 190 -7.08 -4.85 -12.10
N LYS B 191 -7.68 -3.73 -11.69
CA LYS B 191 -8.95 -3.21 -12.23
C LYS B 191 -8.99 -3.04 -13.73
N LEU B 192 -7.80 -2.91 -14.33
CA LEU B 192 -7.64 -2.51 -15.72
C LEU B 192 -7.70 -3.73 -16.62
N PHE B 193 -7.78 -4.91 -16.02
CA PHE B 193 -7.77 -6.15 -16.78
C PHE B 193 -9.06 -6.90 -16.49
N ASP B 194 -9.37 -7.82 -17.38
CA ASP B 194 -10.56 -8.63 -17.27
C ASP B 194 -10.40 -9.70 -16.16
N SER B 195 -9.16 -10.11 -15.85
CA SER B 195 -8.93 -11.01 -14.75
C SER B 195 -7.47 -11.04 -14.29
N TYR B 196 -7.22 -11.79 -13.24
CA TYR B 196 -5.86 -12.00 -12.79
C TYR B 196 -5.78 -13.30 -11.99
N GLU B 197 -4.57 -13.78 -11.79
CA GLU B 197 -4.29 -14.96 -11.03
C GLU B 197 -3.39 -14.58 -9.86
N ARG B 198 -3.56 -15.24 -8.73
CA ARG B 198 -2.63 -15.11 -7.63
C ARG B 198 -1.86 -16.41 -7.49
N VAL B 199 -0.59 -16.28 -7.15
CA VAL B 199 0.27 -17.37 -6.85
C VAL B 199 0.98 -17.04 -5.55
N GLY B 200 1.88 -17.91 -5.13
CA GLY B 200 2.78 -17.61 -4.01
C GLY B 200 4.07 -16.93 -4.44
N ASN B 201 5.17 -17.30 -3.82
CA ASN B 201 6.46 -16.68 -4.14
C ASN B 201 7.19 -17.25 -5.36
N ILE B 202 6.62 -18.30 -5.95
CA ILE B 202 7.20 -18.98 -7.12
C ILE B 202 6.20 -19.09 -8.28
N LEU B 203 6.68 -18.72 -9.46
CA LEU B 203 5.96 -18.99 -10.66
C LEU B 203 6.85 -19.78 -11.62
N GLU B 204 6.33 -20.89 -12.10
CA GLU B 204 7.00 -21.74 -13.07
C GLU B 204 6.28 -21.69 -14.40
N LEU B 205 7.04 -21.73 -15.47
CA LEU B 205 6.48 -21.61 -16.80
C LEU B 205 7.08 -22.73 -17.58
N PHE B 206 6.23 -23.49 -18.26
CA PHE B 206 6.67 -24.66 -18.98
C PHE B 206 6.56 -24.47 -20.50
N GLU B 207 6.12 -23.29 -20.93
CA GLU B 207 6.01 -22.95 -22.35
C GLU B 207 6.03 -21.44 -22.54
N LYS B 208 6.43 -20.99 -23.72
CA LYS B 208 6.38 -19.56 -24.05
C LYS B 208 4.93 -19.12 -24.01
N PRO B 209 4.58 -18.13 -23.18
CA PRO B 209 3.18 -17.84 -22.91
C PRO B 209 2.49 -17.35 -24.17
N LYS B 210 1.34 -17.93 -24.52
CA LYS B 210 0.65 -17.55 -25.73
C LYS B 210 -0.54 -16.60 -25.48
N GLU B 211 -0.91 -16.39 -24.23
CA GLU B 211 -2.01 -15.48 -23.90
C GLU B 211 -1.57 -14.53 -22.79
N ARG B 212 -2.21 -13.37 -22.75
CA ARG B 212 -1.98 -12.40 -21.70
C ARG B 212 -2.57 -12.88 -20.40
N LYS B 213 -1.80 -12.74 -19.32
CA LYS B 213 -2.27 -13.02 -17.98
C LYS B 213 -1.45 -12.25 -16.93
N VAL B 214 -2.17 -11.55 -16.05
CA VAL B 214 -1.58 -10.80 -14.97
C VAL B 214 -1.49 -11.75 -13.79
N VAL B 215 -0.30 -11.89 -13.25
CA VAL B 215 -0.07 -12.88 -12.22
C VAL B 215 0.49 -12.13 -11.07
N VAL B 216 -0.24 -12.19 -9.94
CA VAL B 216 0.14 -11.46 -8.74
C VAL B 216 0.82 -12.46 -7.81
N GLU B 218 3.30 -13.27 -4.25
CA GLU B 218 3.24 -12.91 -2.85
C GLU B 218 4.50 -13.44 -2.17
N VAL B 219 5.10 -12.64 -1.29
CA VAL B 219 6.28 -13.08 -0.52
C VAL B 219 5.84 -13.65 0.82
#